data_7QUE
#
_entry.id   7QUE
#
_cell.length_a   72.085
_cell.length_b   82.776
_cell.length_c   116.848
_cell.angle_alpha   90.000
_cell.angle_beta   90.000
_cell.angle_gamma   90.000
#
_symmetry.space_group_name_H-M   'P 21 21 21'
#
loop_
_entity.id
_entity.type
_entity.pdbx_description
1 polymer 'Serine/threonine-protein kinase 17A'
2 non-polymer ~{N}-(phenylmethyl)-7,10-dioxa-13,17,18,21-tetrazatetracyclo[12.5.2.1^{2,6}.0^{17,20}]docosa-1(20),2(22),3,5,14(21),15,18-heptaene-5-carboxamide
3 water water
#
_entity_poly.entity_id   1
_entity_poly.type   'polypeptide(L)'
_entity_poly.pdbx_seq_one_letter_code
;SMVRTEPFQDGYSLCPGRELGRGKFAVVRKCIKKDSGKEFAAKFMRKRRKGQDCRMEIIHEIAVLELAQDNPWVINLHEV
YETASEMILVLEYAAGGEIFDQCVADREEAFKEKDVQRLMRQILEGVHFLHTRDVVHLDLKPQNILLTSESPLGDIKIVD
FGLSRILKNSEELREIMGTPEYVAPEILSYDPISMATDMWSIGVLTYVMLTGISPFLGNDKQETFLNISQMNLSYSEEEF
DVLSESAVDFIRTLLVKKPEDRATAEECLKHPWLT
;
_entity_poly.pdbx_strand_id   A,B
#
loop_
_chem_comp.id
_chem_comp.type
_chem_comp.name
_chem_comp.formula
F7I non-polymer ~{N}-(phenylmethyl)-7,10-dioxa-13,17,18,21-tetrazatetracyclo[12.5.2.1^{2,6}.0^{17,20}]docosa-1(20),2(22),3,5,14(21),15,18-heptaene-5-carboxamide 'C24 H23 N5 O3'
#
# COMPACT_ATOMS: atom_id res chain seq x y z
N SER A 1 22.91 15.96 8.23
CA SER A 1 23.98 15.09 8.68
C SER A 1 25.21 15.14 7.78
N MET A 2 26.37 15.01 8.39
CA MET A 2 27.58 14.70 7.63
C MET A 2 27.48 13.27 7.11
N VAL A 3 27.53 13.10 5.78
CA VAL A 3 27.34 11.79 5.16
C VAL A 3 28.70 11.19 4.86
N ARG A 4 28.98 10.02 5.42
CA ARG A 4 30.27 9.38 5.27
C ARG A 4 30.28 8.52 4.01
N THR A 5 31.36 8.58 3.24
CA THR A 5 31.46 7.82 2.01
C THR A 5 32.47 6.68 2.07
N GLU A 6 33.21 6.54 3.17
CA GLU A 6 33.97 5.33 3.40
C GLU A 6 33.01 4.17 3.68
N PRO A 7 33.45 2.92 3.51
CA PRO A 7 32.52 1.80 3.65
C PRO A 7 32.06 1.58 5.09
N PHE A 8 30.77 1.31 5.22
CA PHE A 8 30.17 0.97 6.51
C PHE A 8 30.88 -0.20 7.18
N GLN A 9 31.10 -1.28 6.41
CA GLN A 9 31.70 -2.48 6.97
C GLN A 9 33.08 -2.24 7.57
N ASP A 10 33.73 -1.10 7.28
CA ASP A 10 35.01 -0.80 7.93
C ASP A 10 34.84 -0.39 9.39
N GLY A 11 33.68 0.13 9.79
CA GLY A 11 33.54 0.57 11.17
C GLY A 11 32.67 -0.34 12.00
N TYR A 12 31.95 -1.26 11.34
CA TYR A 12 30.88 -1.99 11.97
C TYR A 12 30.85 -3.42 11.44
N SER A 13 30.55 -4.37 12.32
CA SER A 13 30.29 -5.74 11.92
C SER A 13 28.78 -6.02 12.00
N LEU A 14 28.20 -6.53 10.93
CA LEU A 14 26.80 -6.91 10.96
C LEU A 14 26.63 -8.16 11.82
N CYS A 15 25.68 -8.11 12.76
CA CYS A 15 25.34 -9.28 13.56
C CYS A 15 24.77 -10.38 12.67
N PRO A 16 24.91 -11.64 13.06
CA PRO A 16 24.18 -12.73 12.41
C PRO A 16 22.76 -12.83 12.93
N GLY A 17 22.03 -13.83 12.44
CA GLY A 17 20.66 -14.04 12.88
C GLY A 17 19.65 -13.13 12.20
N ARG A 18 18.38 -13.33 12.58
CA ARG A 18 17.25 -12.70 11.90
C ARG A 18 17.41 -11.18 11.89
N GLU A 19 17.16 -10.57 10.72
CA GLU A 19 17.21 -9.13 10.61
C GLU A 19 16.22 -8.52 11.61
N LEU A 20 16.33 -7.21 11.78
CA LEU A 20 15.45 -6.54 12.72
C LEU A 20 14.13 -6.11 12.09
N GLY A 21 14.16 -5.62 10.86
CA GLY A 21 12.95 -5.20 10.19
C GLY A 21 13.22 -5.10 8.71
N ARG A 22 12.19 -5.27 7.90
CA ARG A 22 12.31 -5.24 6.46
C ARG A 22 11.07 -4.60 5.84
N GLY A 23 11.29 -3.67 4.92
CA GLY A 23 10.22 -2.98 4.26
C GLY A 23 10.50 -2.97 2.78
N LYS A 24 9.70 -2.23 2.01
CA LYS A 24 9.83 -2.28 0.57
C LYS A 24 11.15 -1.68 0.10
N PHE A 25 11.68 -0.68 0.81
CA PHE A 25 12.89 0.00 0.34
C PHE A 25 14.01 -0.01 1.38
N ALA A 26 13.90 -0.82 2.43
CA ALA A 26 14.85 -0.70 3.51
C ALA A 26 14.80 -1.95 4.36
N VAL A 27 15.92 -2.25 5.01
CA VAL A 27 16.01 -3.34 5.96
C VAL A 27 16.85 -2.81 7.11
N VAL A 28 16.52 -3.25 8.32
CA VAL A 28 17.28 -2.86 9.50
C VAL A 28 17.98 -4.10 10.04
N ARG A 29 19.29 -3.97 10.28
CA ARG A 29 20.07 -5.09 10.77
C ARG A 29 20.84 -4.67 12.01
N LYS A 30 20.86 -5.53 13.01
CA LYS A 30 21.64 -5.25 14.20
C LYS A 30 23.11 -5.33 13.85
N CYS A 31 23.91 -4.43 14.42
CA CYS A 31 25.35 -4.45 14.13
C CYS A 31 26.12 -4.03 15.36
N ILE A 32 27.44 -4.13 15.27
CA ILE A 32 28.31 -3.82 16.39
C ILE A 32 29.47 -2.98 15.85
N LYS A 33 29.64 -1.78 16.44
CA LYS A 33 30.73 -0.90 16.02
C LYS A 33 32.02 -1.53 16.45
N LYS A 34 32.98 -1.63 15.53
CA LYS A 34 34.20 -2.36 15.80
C LYS A 34 34.99 -1.73 16.94
N ASP A 35 35.05 -0.39 16.96
CA ASP A 35 35.68 0.31 18.08
C ASP A 35 35.07 -0.14 19.40
N SER A 36 33.89 0.38 19.73
CA SER A 36 33.33 0.18 21.07
C SER A 36 32.89 -1.27 21.34
N GLY A 37 32.57 -2.05 20.31
CA GLY A 37 31.69 -3.17 20.55
C GLY A 37 30.26 -2.77 20.86
N LYS A 38 29.94 -1.49 20.78
CA LYS A 38 28.60 -1.02 21.08
C LYS A 38 27.65 -1.48 19.99
N GLU A 39 26.45 -1.88 20.40
CA GLU A 39 25.42 -2.33 19.46
C GLU A 39 24.65 -1.15 18.89
N PHE A 40 24.22 -1.31 17.64
CA PHE A 40 23.47 -0.30 16.92
C PHE A 40 22.47 -0.99 16.00
N ALA A 41 21.59 -0.21 15.39
CA ALA A 41 20.64 -0.72 14.40
C ALA A 41 20.94 -0.04 13.07
N ALA A 42 21.48 -0.79 12.12
CA ALA A 42 21.87 -0.21 10.84
C ALA A 42 20.69 -0.34 9.89
N LYS A 43 20.20 0.79 9.37
CA LYS A 43 19.04 0.84 8.47
C LYS A 43 19.49 1.13 7.04
N PHE A 44 19.46 0.11 6.20
CA PHE A 44 19.90 0.21 4.81
C PHE A 44 18.71 0.64 3.95
N MET A 45 18.80 1.81 3.33
CA MET A 45 17.72 2.43 2.57
C MET A 45 18.15 2.56 1.12
N ARG A 46 17.33 2.04 0.20
CA ARG A 46 17.62 2.20 -1.22
C ARG A 46 17.31 3.63 -1.66
N LYS A 47 18.21 4.22 -2.45
CA LYS A 47 17.89 5.52 -3.03
C LYS A 47 16.90 5.37 -4.19
N ARG A 48 17.19 4.49 -5.14
CA ARG A 48 16.29 4.25 -6.26
C ARG A 48 15.03 3.52 -5.79
N ARG A 49 13.85 4.04 -6.14
CA ARG A 49 12.55 3.43 -5.81
C ARG A 49 11.58 3.54 -6.98
N LYS A 50 11.01 2.39 -7.39
CA LYS A 50 10.13 2.30 -8.57
C LYS A 50 10.76 2.95 -9.80
N GLY A 51 12.10 2.86 -9.92
CA GLY A 51 12.85 3.38 -11.04
C GLY A 51 13.34 4.81 -10.91
N GLN A 52 12.92 5.55 -9.89
CA GLN A 52 13.23 6.97 -9.77
C GLN A 52 14.07 7.26 -8.53
N ASP A 53 14.97 8.23 -8.66
CA ASP A 53 15.81 8.67 -7.55
C ASP A 53 14.94 9.18 -6.40
N CYS A 54 14.90 8.44 -5.28
CA CYS A 54 14.19 8.89 -4.10
C CYS A 54 15.14 9.20 -2.96
N ARG A 55 16.34 9.71 -3.28
CA ARG A 55 17.26 10.07 -2.22
C ARG A 55 16.60 11.05 -1.25
N MET A 56 15.79 11.96 -1.78
CA MET A 56 15.18 13.01 -0.97
C MET A 56 14.28 12.43 0.10
N GLU A 57 13.78 11.20 -0.08
CA GLU A 57 12.98 10.63 0.98
C GLU A 57 13.84 10.20 2.17
N ILE A 58 15.04 9.66 1.89
CA ILE A 58 15.95 9.33 2.99
C ILE A 58 16.38 10.60 3.71
N ILE A 59 16.71 11.65 2.92
CA ILE A 59 17.11 12.94 3.46
C ILE A 59 16.03 13.50 4.38
N HIS A 60 14.77 13.29 4.01
CA HIS A 60 13.66 13.75 4.85
C HIS A 60 13.66 13.01 6.18
N GLU A 61 13.79 11.68 6.14
CA GLU A 61 13.86 10.89 7.38
C GLU A 61 14.98 11.36 8.29
N ILE A 62 16.18 11.55 7.73
CA ILE A 62 17.29 12.05 8.54
C ILE A 62 16.92 13.39 9.17
N ALA A 63 16.31 14.29 8.40
CA ALA A 63 16.02 15.62 8.94
C ALA A 63 15.06 15.56 10.11
N VAL A 64 14.06 14.67 10.04
CA VAL A 64 13.16 14.49 11.18
C VAL A 64 13.93 13.91 12.37
N LEU A 65 14.81 12.94 12.11
CA LEU A 65 15.63 12.36 13.18
C LEU A 65 16.45 13.42 13.87
N GLU A 66 17.02 14.37 13.11
CA GLU A 66 17.87 15.38 13.70
C GLU A 66 17.05 16.42 14.44
N LEU A 67 15.89 16.77 13.89
CA LEU A 67 14.97 17.68 14.58
C LEU A 67 14.68 17.17 15.98
N ALA A 68 14.53 15.86 16.14
CA ALA A 68 14.14 15.25 17.38
C ALA A 68 15.32 14.72 18.19
N GLN A 69 16.54 15.18 17.90
CA GLN A 69 17.71 14.52 18.48
C GLN A 69 17.83 14.77 19.99
N ASP A 70 17.35 15.91 20.49
CA ASP A 70 17.28 16.17 21.94
C ASP A 70 16.03 15.58 22.61
N ASN A 71 15.15 14.95 21.85
CA ASN A 71 13.97 14.24 22.38
C ASN A 71 14.43 12.88 22.89
N PRO A 72 14.47 12.65 24.21
CA PRO A 72 15.00 11.37 24.71
C PRO A 72 14.09 10.19 24.41
N TRP A 73 12.86 10.44 23.95
CA TRP A 73 11.93 9.37 23.65
C TRP A 73 11.89 9.02 22.17
N VAL A 74 12.73 9.66 21.35
CA VAL A 74 12.89 9.28 19.95
C VAL A 74 14.27 8.63 19.75
N ILE A 75 14.29 7.57 18.94
CA ILE A 75 15.51 6.87 18.56
C ILE A 75 16.59 7.86 18.10
N ASN A 76 17.83 7.64 18.58
CA ASN A 76 18.98 8.49 18.23
C ASN A 76 19.59 8.09 16.89
N LEU A 77 20.04 9.09 16.15
CA LEU A 77 20.81 8.85 14.92
C LEU A 77 22.27 9.09 15.25
N HIS A 78 23.09 8.05 15.07
CA HIS A 78 24.53 8.08 15.30
C HIS A 78 25.34 8.49 14.07
N GLU A 79 25.17 7.80 12.95
CA GLU A 79 25.99 8.10 11.78
C GLU A 79 25.20 7.82 10.50
N VAL A 80 25.62 8.47 9.41
CA VAL A 80 25.05 8.21 8.09
C VAL A 80 26.15 7.81 7.12
N TYR A 81 25.91 6.75 6.38
CA TYR A 81 26.76 6.31 5.28
C TYR A 81 26.00 6.35 3.97
N GLU A 82 26.77 6.36 2.88
CA GLU A 82 26.17 6.39 1.57
C GLU A 82 27.03 5.57 0.61
N THR A 83 26.38 4.85 -0.30
CA THR A 83 27.04 4.17 -1.40
C THR A 83 26.34 4.53 -2.70
N ALA A 84 26.71 3.86 -3.78
CA ALA A 84 26.12 4.16 -5.09
C ALA A 84 24.61 4.00 -5.05
N SER A 85 24.11 3.02 -4.31
CA SER A 85 22.68 2.74 -4.29
C SER A 85 22.02 2.85 -2.93
N GLU A 86 22.79 2.94 -1.85
CA GLU A 86 22.20 2.93 -0.52
C GLU A 86 22.67 4.12 0.30
N MET A 87 21.81 4.51 1.21
CA MET A 87 22.18 5.34 2.34
C MET A 87 21.94 4.48 3.58
N ILE A 88 22.84 4.58 4.56
CA ILE A 88 22.77 3.75 5.76
C ILE A 88 22.64 4.66 6.97
N LEU A 89 21.54 4.53 7.69
CA LEU A 89 21.29 5.28 8.91
C LEU A 89 21.71 4.38 10.06
N VAL A 90 22.80 4.72 10.73
CA VAL A 90 23.25 3.92 11.87
C VAL A 90 22.48 4.41 13.09
N LEU A 91 21.54 3.61 13.55
CA LEU A 91 20.64 4.09 14.59
C LEU A 91 21.00 3.51 15.94
N GLU A 92 20.51 4.18 16.98
CA GLU A 92 20.56 3.64 18.34
C GLU A 92 19.77 2.34 18.44
N TYR A 93 20.32 1.39 19.19
CA TYR A 93 19.72 0.07 19.35
C TYR A 93 18.87 0.02 20.62
N ALA A 94 17.61 -0.33 20.48
CA ALA A 94 16.68 -0.37 21.63
C ALA A 94 16.51 -1.83 22.03
N ALA A 95 17.25 -2.29 23.06
CA ALA A 95 17.36 -3.71 23.30
C ALA A 95 16.01 -4.39 23.59
N GLY A 96 14.96 -3.65 23.92
CA GLY A 96 13.70 -4.32 24.22
C GLY A 96 12.85 -4.71 23.02
N GLY A 97 13.09 -4.14 21.87
CA GLY A 97 12.17 -4.51 20.82
C GLY A 97 10.82 -3.82 20.94
N GLU A 98 9.88 -4.30 20.13
CA GLU A 98 8.54 -3.73 20.06
C GLU A 98 7.77 -3.89 21.37
N ILE A 99 6.87 -2.94 21.65
CA ILE A 99 6.02 -3.06 22.84
C ILE A 99 5.18 -4.32 22.76
N PHE A 100 4.70 -4.68 21.57
CA PHE A 100 4.12 -6.01 21.35
C PHE A 100 3.83 -6.23 19.85
N ALA A 110 -2.57 -8.92 27.53
CA ALA A 110 -2.85 -7.53 27.91
C ALA A 110 -1.92 -7.06 29.04
N PHE A 111 -1.40 -5.83 28.92
CA PHE A 111 -0.54 -5.26 29.94
C PHE A 111 -1.34 -5.01 31.20
N LYS A 112 -0.62 -4.76 32.30
CA LYS A 112 -1.27 -4.27 33.51
C LYS A 112 -1.47 -2.77 33.40
N GLU A 113 -2.60 -2.28 33.95
CA GLU A 113 -2.95 -0.87 33.77
C GLU A 113 -1.80 0.05 34.20
N LYS A 114 -1.07 -0.34 35.25
CA LYS A 114 -0.01 0.48 35.79
C LYS A 114 1.17 0.61 34.82
N ASP A 115 1.50 -0.48 34.08
CA ASP A 115 2.53 -0.39 33.06
C ASP A 115 2.11 0.57 31.96
N VAL A 116 0.86 0.47 31.51
CA VAL A 116 0.39 1.34 30.43
C VAL A 116 0.47 2.80 30.85
N GLN A 117 0.07 3.13 32.09
CA GLN A 117 0.22 4.51 32.60
C GLN A 117 1.66 5.03 32.47
N ARG A 118 2.64 4.26 32.98
CA ARG A 118 4.03 4.70 32.92
C ARG A 118 4.52 4.82 31.49
N LEU A 119 4.19 3.82 30.64
CA LEU A 119 4.70 3.83 29.26
C LEU A 119 4.01 4.89 28.42
N MET A 120 2.68 5.03 28.62
CA MET A 120 1.89 5.99 27.84
C MET A 120 2.29 7.42 28.14
N ARG A 121 2.69 7.70 29.38
CA ARG A 121 3.22 9.02 29.71
C ARG A 121 4.51 9.29 28.95
N GLN A 122 5.40 8.29 28.85
CA GLN A 122 6.60 8.46 28.04
C GLN A 122 6.24 8.71 26.58
N ILE A 123 5.35 7.89 26.01
CA ILE A 123 4.96 8.04 24.60
C ILE A 123 4.42 9.44 24.34
N LEU A 124 3.56 9.93 25.24
CA LEU A 124 2.98 11.25 25.09
C LEU A 124 4.02 12.36 25.20
N GLU A 125 5.04 12.22 26.07
CA GLU A 125 6.13 13.20 26.09
C GLU A 125 6.87 13.23 24.74
N GLY A 126 7.19 12.06 24.19
CA GLY A 126 7.81 12.03 22.87
C GLY A 126 6.96 12.68 21.79
N VAL A 127 5.67 12.33 21.77
CA VAL A 127 4.77 12.86 20.75
C VAL A 127 4.55 14.36 20.96
N HIS A 128 4.31 14.74 22.22
CA HIS A 128 4.18 16.16 22.53
C HIS A 128 5.37 16.96 21.99
N PHE A 129 6.58 16.46 22.17
CA PHE A 129 7.71 17.24 21.71
C PHE A 129 7.88 17.20 20.19
N LEU A 130 7.39 16.16 19.53
CA LEU A 130 7.30 16.23 18.07
C LEU A 130 6.31 17.30 17.65
N HIS A 131 5.12 17.29 18.25
CA HIS A 131 4.13 18.28 17.88
C HIS A 131 4.61 19.67 18.18
N THR A 132 5.31 19.84 19.30
CA THR A 132 6.01 21.07 19.62
C THR A 132 6.88 21.53 18.46
N ARG A 133 7.41 20.60 17.68
CA ARG A 133 8.31 20.92 16.58
C ARG A 133 7.62 20.84 15.22
N ASP A 134 6.27 20.80 15.21
CA ASP A 134 5.43 20.77 14.01
C ASP A 134 5.55 19.47 13.21
N VAL A 135 6.04 18.41 13.82
CA VAL A 135 6.15 17.11 13.18
C VAL A 135 4.92 16.30 13.58
N VAL A 136 4.22 15.74 12.57
CA VAL A 136 3.21 14.72 12.80
C VAL A 136 3.82 13.38 12.40
N HIS A 137 3.81 12.41 13.33
CA HIS A 137 4.43 11.14 13.05
C HIS A 137 3.70 10.37 11.96
N LEU A 138 2.40 10.11 12.18
CA LEU A 138 1.48 9.56 11.19
C LEU A 138 1.58 8.05 11.04
N ASP A 139 2.31 7.36 11.91
CA ASP A 139 2.38 5.91 11.85
C ASP A 139 2.63 5.32 13.26
N LEU A 140 2.05 5.96 14.28
CA LEU A 140 2.11 5.50 15.66
C LEU A 140 1.31 4.21 15.80
N LYS A 141 2.02 3.10 15.97
CA LYS A 141 1.43 1.78 16.11
C LYS A 141 2.42 0.96 16.91
N PRO A 142 2.04 -0.21 17.41
CA PRO A 142 2.97 -0.95 18.29
C PRO A 142 4.29 -1.30 17.62
N GLN A 143 4.28 -1.66 16.34
CA GLN A 143 5.53 -1.98 15.63
C GLN A 143 6.57 -0.87 15.76
N ASN A 144 6.12 0.37 15.90
CA ASN A 144 7.01 1.51 15.90
C ASN A 144 7.25 2.11 17.28
N ILE A 145 6.81 1.46 18.36
CA ILE A 145 7.12 1.94 19.69
C ILE A 145 8.02 0.89 20.33
N LEU A 146 9.29 1.22 20.50
CA LEU A 146 10.25 0.27 21.04
C LEU A 146 10.48 0.50 22.52
N LEU A 147 11.06 -0.52 23.16
CA LEU A 147 11.44 -0.50 24.57
C LEU A 147 12.95 -0.66 24.72
N THR A 148 13.53 0.02 25.72
CA THR A 148 14.92 -0.20 26.04
C THR A 148 15.16 -1.50 26.79
N SER A 149 14.11 -2.16 27.29
CA SER A 149 14.24 -3.48 27.91
C SER A 149 12.87 -4.14 27.90
N GLU A 150 12.86 -5.47 27.87
CA GLU A 150 11.59 -6.18 27.96
C GLU A 150 11.25 -6.57 29.39
N SER A 151 12.18 -7.15 30.13
CA SER A 151 11.97 -7.55 31.52
C SER A 151 13.11 -6.99 32.36
N PRO A 152 12.87 -6.00 33.24
CA PRO A 152 11.58 -5.29 33.41
C PRO A 152 11.26 -4.39 32.22
N LEU A 153 10.03 -3.88 32.14
CA LEU A 153 9.69 -2.95 31.08
C LEU A 153 10.57 -1.71 31.19
N GLY A 154 11.23 -1.36 30.09
CA GLY A 154 12.10 -0.23 30.04
C GLY A 154 11.39 1.04 29.65
N ASP A 155 12.12 1.90 28.93
CA ASP A 155 11.64 3.18 28.43
C ASP A 155 11.34 3.09 26.93
N ILE A 156 10.45 3.97 26.44
CA ILE A 156 10.01 3.85 25.06
C ILE A 156 10.94 4.65 24.14
N LYS A 157 11.08 4.16 22.92
CA LYS A 157 11.74 4.84 21.81
C LYS A 157 10.81 4.80 20.61
N ILE A 158 10.53 5.97 20.05
CA ILE A 158 9.72 6.05 18.84
C ILE A 158 10.65 5.93 17.65
N VAL A 159 10.31 5.07 16.69
CA VAL A 159 11.10 4.91 15.48
C VAL A 159 10.20 5.15 14.27
N ASP A 160 10.85 5.25 13.11
CA ASP A 160 10.20 5.20 11.81
C ASP A 160 9.42 6.46 11.48
N PHE A 161 10.13 7.44 10.96
CA PHE A 161 9.53 8.66 10.52
C PHE A 161 9.26 8.67 9.03
N GLY A 162 9.12 7.48 8.41
CA GLY A 162 8.89 7.39 6.97
C GLY A 162 7.63 8.07 6.46
N LEU A 163 6.54 8.08 7.23
CA LEU A 163 5.31 8.75 6.80
C LEU A 163 5.15 10.15 7.42
N SER A 164 6.18 10.64 8.09
CA SER A 164 6.09 11.85 8.89
C SER A 164 6.05 13.10 8.01
N ARG A 165 5.37 14.13 8.50
CA ARG A 165 5.30 15.40 7.81
C ARG A 165 5.52 16.54 8.80
N ILE A 166 6.10 17.62 8.31
CA ILE A 166 6.16 18.88 9.01
C ILE A 166 5.00 19.73 8.50
N LEU A 167 4.10 20.10 9.40
CA LEU A 167 2.80 20.64 9.02
C LEU A 167 2.78 22.15 9.11
N LYS A 168 2.06 22.77 8.19
CA LYS A 168 1.86 24.22 8.22
C LYS A 168 0.96 24.61 9.39
N ASN A 169 1.20 25.82 9.88
CA ASN A 169 0.32 26.41 10.87
C ASN A 169 -1.07 26.65 10.28
N SER A 170 -2.05 26.81 11.17
CA SER A 170 -3.40 27.15 10.74
C SER A 170 -3.45 28.46 9.98
N GLU A 171 -2.46 29.33 10.18
CA GLU A 171 -2.39 30.59 9.44
C GLU A 171 -2.04 30.36 7.97
N GLU A 172 -1.12 29.44 7.70
CA GLU A 172 -0.87 29.01 6.32
C GLU A 172 -2.00 28.16 5.78
N LEU A 173 -2.76 27.49 6.66
CA LEU A 173 -3.98 26.82 6.25
C LEU A 173 -5.12 27.79 5.96
N ARG A 174 -5.06 29.00 6.52
CA ARG A 174 -6.02 30.05 6.18
C ARG A 174 -5.69 30.71 4.84
N GLU A 175 -4.40 30.84 4.50
CA GLU A 175 -4.02 31.42 3.22
C GLU A 175 -4.24 30.42 2.08
N ILE A 176 -3.83 29.16 2.27
CA ILE A 176 -4.11 28.13 1.28
C ILE A 176 -5.61 27.88 1.15
N MET A 177 -6.41 28.31 2.14
CA MET A 177 -7.86 28.23 2.03
C MET A 177 -8.38 29.11 0.88
N GLY A 178 -7.94 30.36 0.84
CA GLY A 178 -8.48 31.30 -0.12
C GLY A 178 -9.76 31.94 0.37
N THR A 179 -10.27 32.87 -0.45
CA THR A 179 -11.34 33.77 -0.03
C THR A 179 -12.63 32.98 0.23
N PRO A 180 -13.30 33.22 1.36
CA PRO A 180 -14.32 32.27 1.84
C PRO A 180 -15.54 32.09 0.93
N GLU A 181 -16.09 33.16 0.36
CA GLU A 181 -17.30 32.95 -0.43
C GLU A 181 -17.11 32.10 -1.67
N TYR A 182 -15.87 31.69 -2.00
CA TYR A 182 -15.67 30.81 -3.15
C TYR A 182 -15.44 29.34 -2.79
N VAL A 183 -15.30 28.97 -1.49
CA VAL A 183 -14.88 27.61 -1.17
C VAL A 183 -16.06 26.65 -1.36
N ALA A 184 -15.78 25.50 -1.94
CA ALA A 184 -16.80 24.50 -2.20
C ALA A 184 -17.24 23.83 -0.90
N PRO A 185 -18.45 23.27 -0.87
CA PRO A 185 -18.89 22.58 0.35
C PRO A 185 -17.96 21.45 0.73
N GLU A 186 -17.27 20.88 -0.25
CA GLU A 186 -16.31 19.82 -0.01
C GLU A 186 -15.27 20.27 1.00
N ILE A 187 -14.56 21.35 0.66
CA ILE A 187 -13.46 21.82 1.50
C ILE A 187 -13.96 22.18 2.88
N LEU A 188 -15.19 22.67 2.99
CA LEU A 188 -15.71 22.99 4.31
C LEU A 188 -16.03 21.74 5.14
N SER A 189 -16.27 20.60 4.48
CA SER A 189 -16.54 19.33 5.13
C SER A 189 -15.28 18.52 5.40
N TYR A 190 -14.16 18.89 4.80
CA TYR A 190 -12.97 18.07 4.87
C TYR A 190 -12.22 18.33 6.17
N ASP A 191 -11.65 17.26 6.72
CA ASP A 191 -10.77 17.35 7.87
C ASP A 191 -9.37 16.93 7.46
N PRO A 192 -8.42 17.84 7.35
CA PRO A 192 -7.08 17.47 6.91
C PRO A 192 -6.30 16.72 7.98
N ILE A 193 -5.20 16.12 7.56
CA ILE A 193 -4.30 15.49 8.51
C ILE A 193 -3.68 16.58 9.37
N SER A 194 -3.59 16.31 10.67
CA SER A 194 -3.16 17.30 11.65
C SER A 194 -2.48 16.58 12.81
N MET A 195 -2.07 17.37 13.82
CA MET A 195 -1.57 16.78 15.06
C MET A 195 -2.58 15.81 15.66
N ALA A 196 -3.87 16.15 15.56
CA ALA A 196 -4.90 15.28 16.13
C ALA A 196 -4.92 13.91 15.49
N THR A 197 -4.43 13.76 14.26
CA THR A 197 -4.37 12.44 13.64
C THR A 197 -3.48 11.49 14.44
N ASP A 198 -2.34 11.99 14.92
CA ASP A 198 -1.50 11.21 15.85
C ASP A 198 -2.24 10.85 17.14
N MET A 199 -3.05 11.75 17.65
CA MET A 199 -3.68 11.49 18.94
C MET A 199 -4.73 10.38 18.85
N TRP A 200 -5.50 10.33 17.75
CA TRP A 200 -6.35 9.17 17.47
C TRP A 200 -5.60 7.86 17.66
N SER A 201 -4.46 7.71 16.96
CA SER A 201 -3.67 6.48 17.02
C SER A 201 -3.24 6.17 18.44
N ILE A 202 -2.94 7.20 19.23
CA ILE A 202 -2.58 6.96 20.62
C ILE A 202 -3.82 6.51 21.38
N GLY A 203 -4.99 6.94 20.94
CA GLY A 203 -6.21 6.39 21.52
C GLY A 203 -6.36 4.90 21.22
N VAL A 204 -6.15 4.49 19.95
CA VAL A 204 -6.24 3.08 19.60
C VAL A 204 -5.19 2.28 20.36
N LEU A 205 -3.96 2.79 20.41
CA LEU A 205 -2.89 2.12 21.11
C LEU A 205 -3.23 1.95 22.58
N THR A 206 -3.74 3.00 23.21
CA THR A 206 -4.12 2.89 24.62
C THR A 206 -5.18 1.83 24.82
N TYR A 207 -6.21 1.83 23.98
CA TYR A 207 -7.24 0.80 24.08
C TYR A 207 -6.63 -0.61 24.00
N VAL A 208 -5.73 -0.84 23.03
CA VAL A 208 -5.20 -2.18 22.79
C VAL A 208 -4.30 -2.62 23.94
N MET A 209 -3.50 -1.70 24.49
CA MET A 209 -2.58 -2.07 25.56
C MET A 209 -3.34 -2.46 26.82
N LEU A 210 -4.46 -1.77 27.10
CA LEU A 210 -5.21 -2.03 28.32
C LEU A 210 -6.06 -3.27 28.21
N THR A 211 -6.57 -3.57 27.02
CA THR A 211 -7.50 -4.68 26.91
C THR A 211 -6.98 -5.87 26.13
N GLY A 212 -6.16 -5.64 25.11
CA GLY A 212 -5.79 -6.72 24.24
C GLY A 212 -6.66 -6.85 23.00
N ILE A 213 -7.73 -6.04 22.88
CA ILE A 213 -8.59 -6.03 21.70
C ILE A 213 -8.36 -4.75 20.90
N SER A 214 -8.32 -4.91 19.58
CA SER A 214 -8.31 -3.77 18.69
C SER A 214 -9.72 -3.20 18.58
N PRO A 215 -9.94 -1.94 18.97
CA PRO A 215 -11.32 -1.46 19.17
C PRO A 215 -12.17 -1.47 17.90
N PHE A 216 -11.61 -1.21 16.72
CA PHE A 216 -12.40 -1.09 15.50
C PHE A 216 -12.21 -2.23 14.52
N LEU A 217 -11.43 -3.25 14.88
CA LEU A 217 -11.20 -4.35 13.96
C LEU A 217 -12.51 -5.04 13.59
N GLY A 218 -12.77 -5.16 12.29
CA GLY A 218 -13.92 -5.83 11.76
C GLY A 218 -13.57 -7.17 11.12
N ASN A 219 -14.60 -7.85 10.61
CA ASN A 219 -14.37 -9.14 9.97
C ASN A 219 -13.55 -8.98 8.70
N ASP A 220 -13.80 -7.92 7.94
CA ASP A 220 -12.94 -7.52 6.82
C ASP A 220 -12.43 -6.09 7.01
N LYS A 221 -11.83 -5.56 5.94
CA LYS A 221 -11.32 -4.20 5.94
C LYS A 221 -12.44 -3.18 5.84
N GLN A 222 -13.44 -3.44 5.00
CA GLN A 222 -14.51 -2.47 4.83
C GLN A 222 -15.27 -2.28 6.13
N GLU A 223 -15.34 -3.33 6.94
CA GLU A 223 -15.97 -3.20 8.23
C GLU A 223 -15.10 -2.37 9.17
N THR A 224 -13.80 -2.63 9.19
CA THR A 224 -12.92 -1.83 10.03
C THR A 224 -13.01 -0.35 9.67
N PHE A 225 -13.06 -0.04 8.38
CA PHE A 225 -13.19 1.35 7.96
C PHE A 225 -14.52 1.93 8.43
N LEU A 226 -15.60 1.17 8.30
CA LEU A 226 -16.91 1.66 8.74
C LEU A 226 -16.92 1.89 10.25
N ASN A 227 -16.49 0.89 11.02
CA ASN A 227 -16.38 1.05 12.46
C ASN A 227 -15.64 2.32 12.83
N ILE A 228 -14.50 2.58 12.15
CA ILE A 228 -13.70 3.78 12.42
C ILE A 228 -14.55 5.04 12.23
N SER A 229 -15.40 5.07 11.19
CA SER A 229 -16.12 6.31 10.96
C SER A 229 -17.43 6.41 11.71
N GLN A 230 -18.06 5.28 12.07
CA GLN A 230 -19.40 5.35 12.66
C GLN A 230 -19.54 4.73 14.05
N MET A 231 -18.68 3.79 14.44
CA MET A 231 -18.93 3.09 15.70
C MET A 231 -18.63 3.98 16.89
N ASN A 232 -19.61 4.09 17.80
CA ASN A 232 -19.41 4.69 19.12
C ASN A 232 -19.06 3.56 20.06
N LEU A 233 -17.84 3.56 20.56
CA LEU A 233 -17.39 2.50 21.42
C LEU A 233 -18.21 2.51 22.70
N SER A 234 -18.73 1.35 23.09
CA SER A 234 -19.47 1.26 24.35
C SER A 234 -18.55 1.03 25.54
N TYR A 235 -17.26 0.75 25.31
CA TYR A 235 -16.40 0.16 26.35
C TYR A 235 -17.20 -1.01 26.92
N SER A 236 -17.39 -1.14 28.23
CA SER A 236 -18.39 -2.09 28.72
C SER A 236 -18.15 -3.58 28.42
N GLU A 237 -17.14 -3.93 27.61
CA GLU A 237 -16.71 -5.32 27.48
C GLU A 237 -16.10 -5.79 28.79
N GLU A 238 -15.90 -7.11 28.90
CA GLU A 238 -15.44 -7.68 30.17
C GLU A 238 -14.06 -7.18 30.58
N GLU A 239 -13.23 -6.77 29.61
CA GLU A 239 -11.86 -6.34 29.87
C GLU A 239 -11.78 -5.02 30.64
N PHE A 240 -12.87 -4.26 30.69
CA PHE A 240 -12.87 -2.94 31.33
C PHE A 240 -13.21 -3.00 32.82
N ASP A 241 -13.63 -4.15 33.33
CA ASP A 241 -14.03 -4.19 34.73
C ASP A 241 -12.85 -3.94 35.65
N VAL A 242 -11.67 -4.47 35.32
CA VAL A 242 -10.49 -4.24 36.16
C VAL A 242 -9.85 -2.89 35.90
N LEU A 243 -10.37 -2.12 34.95
CA LEU A 243 -9.76 -0.84 34.57
C LEU A 243 -10.42 0.32 35.31
N SER A 244 -9.62 1.35 35.59
CA SER A 244 -10.15 2.52 36.27
C SER A 244 -11.09 3.28 35.35
N GLU A 245 -12.02 4.01 35.97
CA GLU A 245 -12.86 4.94 35.24
C GLU A 245 -12.00 5.97 34.52
N SER A 246 -10.94 6.46 35.17
CA SER A 246 -10.05 7.38 34.50
C SER A 246 -9.42 6.77 33.26
N ALA A 247 -9.16 5.46 33.25
CA ALA A 247 -8.58 4.87 32.05
C ALA A 247 -9.57 4.90 30.89
N VAL A 248 -10.85 4.68 31.17
CA VAL A 248 -11.83 4.72 30.09
C VAL A 248 -12.06 6.15 29.65
N ASP A 249 -12.02 7.10 30.58
CA ASP A 249 -12.21 8.49 30.21
C ASP A 249 -11.10 8.98 29.33
N PHE A 250 -9.85 8.59 29.65
CA PHE A 250 -8.68 8.97 28.88
C PHE A 250 -8.82 8.53 27.43
N ILE A 251 -9.18 7.26 27.22
CA ILE A 251 -9.43 6.77 25.86
C ILE A 251 -10.52 7.59 25.18
N ARG A 252 -11.57 7.93 25.93
CA ARG A 252 -12.70 8.63 25.30
C ARG A 252 -12.32 10.02 24.82
N THR A 253 -11.40 10.69 25.52
CA THR A 253 -10.91 11.98 25.04
C THR A 253 -10.13 11.84 23.73
N LEU A 254 -9.71 10.65 23.37
CA LEU A 254 -8.91 10.48 22.17
C LEU A 254 -9.69 9.90 21.00
N LEU A 255 -10.59 8.95 21.24
CA LEU A 255 -11.27 8.31 20.12
C LEU A 255 -12.52 9.10 19.72
N VAL A 256 -12.36 10.42 19.64
CA VAL A 256 -13.41 11.32 19.19
C VAL A 256 -13.28 11.48 17.68
N LYS A 257 -14.36 11.16 16.97
CA LYS A 257 -14.36 11.20 15.51
C LYS A 257 -13.95 12.56 14.96
N LYS A 258 -14.46 13.64 15.53
CA LYS A 258 -14.12 14.97 15.05
C LYS A 258 -12.72 15.36 15.53
N PRO A 259 -11.79 15.64 14.63
CA PRO A 259 -10.40 15.88 15.08
C PRO A 259 -10.24 17.08 15.99
N GLU A 260 -10.94 18.19 15.71
CA GLU A 260 -10.89 19.38 16.58
C GLU A 260 -11.23 19.04 18.02
N ASP A 261 -12.09 18.05 18.25
CA ASP A 261 -12.54 17.75 19.60
C ASP A 261 -11.63 16.75 20.32
N ARG A 262 -10.59 16.23 19.67
CA ARG A 262 -9.70 15.27 20.32
C ARG A 262 -8.77 16.00 21.29
N ALA A 263 -8.41 15.31 22.38
CA ALA A 263 -7.37 15.84 23.28
C ALA A 263 -6.02 15.94 22.58
N THR A 264 -5.24 16.96 22.96
CA THR A 264 -3.87 17.11 22.49
C THR A 264 -2.93 16.37 23.43
N ALA A 265 -1.67 16.28 23.01
CA ALA A 265 -0.69 15.58 23.83
C ALA A 265 -0.49 16.32 25.15
N GLU A 266 -0.44 17.66 25.11
CA GLU A 266 -0.28 18.39 26.37
C GLU A 266 -1.49 18.19 27.30
N GLU A 267 -2.72 18.15 26.77
CA GLU A 267 -3.83 17.88 27.70
C GLU A 267 -3.81 16.43 28.18
N CYS A 268 -3.40 15.48 27.32
CA CYS A 268 -3.25 14.10 27.81
C CYS A 268 -2.30 14.04 29.00
N LEU A 269 -1.18 14.74 28.90
CA LEU A 269 -0.19 14.70 29.97
C LEU A 269 -0.74 15.27 31.28
N LYS A 270 -1.78 16.14 31.19
CA LYS A 270 -2.43 16.68 32.38
C LYS A 270 -3.67 15.90 32.79
N HIS A 271 -4.07 14.90 32.01
CA HIS A 271 -5.27 14.15 32.35
C HIS A 271 -5.04 13.42 33.68
N PRO A 272 -6.07 13.27 34.51
CA PRO A 272 -5.86 12.63 35.83
C PRO A 272 -5.41 11.16 35.75
N TRP A 273 -5.66 10.46 34.64
CA TRP A 273 -5.17 9.10 34.52
C TRP A 273 -3.65 9.01 34.64
N LEU A 274 -2.92 10.05 34.26
CA LEU A 274 -1.46 10.06 34.24
C LEU A 274 -0.87 11.02 35.26
N THR A 275 -1.49 11.13 36.42
CA THR A 275 -1.20 12.23 37.31
C THR A 275 -1.33 11.80 38.76
N TYR B 12 -32.50 -7.74 -1.29
CA TYR B 12 -31.14 -7.28 -0.94
C TYR B 12 -31.14 -6.17 0.09
N SER B 13 -29.95 -5.89 0.62
CA SER B 13 -29.75 -4.83 1.60
C SER B 13 -28.36 -4.25 1.41
N LEU B 14 -28.28 -2.93 1.26
CA LEU B 14 -27.03 -2.24 0.96
C LEU B 14 -26.22 -2.02 2.22
N CYS B 15 -24.92 -2.21 2.11
CA CYS B 15 -24.02 -2.01 3.23
C CYS B 15 -23.58 -0.54 3.30
N PRO B 16 -23.63 0.07 4.47
CA PRO B 16 -23.22 1.48 4.58
C PRO B 16 -21.71 1.59 4.52
N GLY B 17 -21.25 2.81 4.30
CA GLY B 17 -19.82 3.10 4.27
C GLY B 17 -19.36 3.48 2.87
N ARG B 18 -18.08 3.85 2.82
CA ARG B 18 -17.42 4.20 1.56
C ARG B 18 -17.64 3.09 0.54
N GLU B 19 -17.93 3.49 -0.69
CA GLU B 19 -18.07 2.54 -1.77
C GLU B 19 -16.78 1.72 -1.93
N LEU B 20 -16.94 0.52 -2.50
CA LEU B 20 -15.77 -0.29 -2.85
C LEU B 20 -14.98 0.37 -3.98
N GLY B 21 -15.67 0.90 -4.98
CA GLY B 21 -14.99 1.56 -6.07
C GLY B 21 -15.96 2.35 -6.91
N ARG B 22 -15.42 3.35 -7.60
CA ARG B 22 -16.22 4.21 -8.46
C ARG B 22 -15.49 4.49 -9.77
N ALA B 26 -20.19 4.42 -13.12
CA ALA B 26 -20.54 3.32 -12.21
C ALA B 26 -19.83 3.37 -10.85
N VAL B 27 -20.40 2.67 -9.88
CA VAL B 27 -19.84 2.51 -8.54
C VAL B 27 -20.13 1.10 -8.06
N VAL B 28 -19.32 0.62 -7.12
CA VAL B 28 -19.49 -0.72 -6.54
C VAL B 28 -19.65 -0.55 -5.04
N ARG B 29 -20.75 -1.08 -4.49
CA ARG B 29 -21.11 -0.93 -3.08
C ARG B 29 -21.40 -2.30 -2.49
N LYS B 30 -20.72 -2.65 -1.41
CA LYS B 30 -20.99 -3.94 -0.78
C LYS B 30 -22.44 -3.99 -0.34
N CYS B 31 -23.01 -5.20 -0.37
CA CYS B 31 -24.38 -5.39 0.10
C CYS B 31 -24.52 -6.81 0.66
N ILE B 32 -25.63 -7.03 1.36
CA ILE B 32 -25.95 -8.33 1.95
C ILE B 32 -27.30 -8.77 1.41
N LYS B 33 -27.36 -10.00 0.93
CA LYS B 33 -28.63 -10.56 0.48
C LYS B 33 -29.54 -10.85 1.67
N LYS B 34 -30.84 -10.67 1.47
CA LYS B 34 -31.79 -10.83 2.56
C LYS B 34 -32.53 -12.15 2.45
N GLY B 37 -28.16 -15.02 3.50
CA GLY B 37 -27.53 -13.78 3.91
C GLY B 37 -26.08 -13.49 3.49
N LYS B 38 -25.66 -13.99 2.33
CA LYS B 38 -24.30 -13.80 1.86
C LYS B 38 -24.05 -12.34 1.51
N GLU B 39 -22.77 -11.97 1.42
CA GLU B 39 -22.40 -10.61 1.06
C GLU B 39 -21.93 -10.56 -0.39
N PHE B 40 -22.21 -9.42 -1.03
CA PHE B 40 -21.94 -9.25 -2.45
C PHE B 40 -21.42 -7.84 -2.70
N ALA B 41 -20.89 -7.66 -3.91
CA ALA B 41 -20.45 -6.36 -4.40
C ALA B 41 -21.42 -5.96 -5.50
N ALA B 42 -22.20 -4.91 -5.25
CA ALA B 42 -23.20 -4.45 -6.22
C ALA B 42 -22.56 -3.39 -7.11
N LYS B 43 -22.57 -3.64 -8.42
CA LYS B 43 -21.98 -2.72 -9.41
C LYS B 43 -23.11 -2.04 -10.17
N PHE B 44 -23.40 -0.79 -9.80
CA PHE B 44 -24.51 -0.02 -10.37
C PHE B 44 -24.06 0.68 -11.65
N MET B 45 -24.71 0.34 -12.77
CA MET B 45 -24.44 1.06 -14.03
C MET B 45 -25.71 1.49 -14.76
N ARG B 55 -26.01 1.08 -23.25
CA ARG B 55 -26.67 -0.09 -22.66
C ARG B 55 -26.19 -1.39 -23.32
N MET B 56 -25.91 -1.34 -24.63
CA MET B 56 -25.30 -2.49 -25.28
C MET B 56 -23.97 -2.82 -24.63
N GLU B 57 -23.14 -1.81 -24.39
CA GLU B 57 -21.84 -2.03 -23.77
C GLU B 57 -21.98 -2.79 -22.46
N ILE B 58 -23.06 -2.56 -21.73
CA ILE B 58 -23.25 -3.26 -20.46
C ILE B 58 -23.76 -4.68 -20.69
N ILE B 59 -24.63 -4.88 -21.68
CA ILE B 59 -25.11 -6.22 -21.99
C ILE B 59 -23.94 -7.13 -22.35
N HIS B 60 -22.95 -6.59 -23.07
CA HIS B 60 -21.79 -7.38 -23.45
C HIS B 60 -20.92 -7.77 -22.23
N GLU B 61 -20.88 -6.93 -21.19
CA GLU B 61 -20.14 -7.31 -19.99
C GLU B 61 -20.80 -8.49 -19.30
N ILE B 62 -22.13 -8.50 -19.22
CA ILE B 62 -22.84 -9.65 -18.68
C ILE B 62 -22.52 -10.89 -19.49
N ALA B 63 -22.39 -10.75 -20.81
CA ALA B 63 -22.08 -11.90 -21.66
C ALA B 63 -20.69 -12.46 -21.37
N VAL B 64 -19.70 -11.59 -21.15
CA VAL B 64 -18.35 -12.09 -20.94
C VAL B 64 -18.24 -12.74 -19.57
N LEU B 65 -18.86 -12.14 -18.56
CA LEU B 65 -18.85 -12.75 -17.22
C LEU B 65 -19.52 -14.12 -17.28
N GLU B 66 -20.77 -14.19 -17.77
CA GLU B 66 -21.46 -15.46 -17.82
C GLU B 66 -20.67 -16.48 -18.62
N LEU B 67 -19.96 -16.04 -19.66
CA LEU B 67 -19.19 -16.99 -20.45
C LEU B 67 -18.02 -17.56 -19.66
N ALA B 68 -17.48 -16.79 -18.71
CA ALA B 68 -16.34 -17.22 -17.92
C ALA B 68 -16.75 -17.83 -16.57
N GLN B 69 -18.06 -17.99 -16.31
CA GLN B 69 -18.68 -18.64 -15.15
C GLN B 69 -17.79 -19.66 -14.42
N ASP B 70 -17.35 -20.71 -15.14
CA ASP B 70 -16.55 -21.80 -14.56
C ASP B 70 -15.08 -21.44 -14.36
N ASN B 71 -14.62 -20.32 -14.86
CA ASN B 71 -13.19 -20.06 -14.79
C ASN B 71 -12.83 -19.42 -13.46
N PRO B 72 -11.96 -20.05 -12.67
CA PRO B 72 -11.66 -19.52 -11.32
C PRO B 72 -11.05 -18.13 -11.32
N TRP B 73 -10.41 -17.72 -12.41
CA TRP B 73 -9.64 -16.49 -12.44
C TRP B 73 -10.43 -15.27 -12.92
N VAL B 74 -11.75 -15.39 -13.02
CA VAL B 74 -12.63 -14.29 -13.40
C VAL B 74 -13.68 -14.12 -12.31
N ILE B 75 -14.09 -12.88 -12.05
CA ILE B 75 -15.08 -12.58 -11.02
C ILE B 75 -16.44 -13.17 -11.38
N ASN B 76 -17.10 -13.80 -10.41
CA ASN B 76 -18.39 -14.43 -10.63
C ASN B 76 -19.51 -13.40 -10.63
N LEU B 77 -20.38 -13.49 -11.64
CA LEU B 77 -21.63 -12.75 -11.63
C LEU B 77 -22.72 -13.64 -11.05
N HIS B 78 -23.43 -13.13 -10.06
CA HIS B 78 -24.46 -13.92 -9.39
C HIS B 78 -25.86 -13.57 -9.86
N GLU B 79 -26.17 -12.28 -10.00
CA GLU B 79 -27.47 -11.85 -10.47
C GLU B 79 -27.35 -10.51 -11.17
N VAL B 80 -28.31 -10.24 -12.07
CA VAL B 80 -28.46 -8.94 -12.71
C VAL B 80 -29.90 -8.50 -12.50
N TYR B 81 -30.10 -7.36 -11.82
CA TYR B 81 -31.45 -6.82 -11.61
C TYR B 81 -31.60 -5.48 -12.33
N MET B 87 -27.55 -1.21 -15.72
CA MET B 87 -28.25 -1.87 -14.63
C MET B 87 -27.31 -2.10 -13.43
N ILE B 88 -27.61 -3.10 -12.61
CA ILE B 88 -26.78 -3.46 -11.45
C ILE B 88 -26.35 -4.91 -11.58
N LEU B 89 -25.05 -5.15 -11.53
CA LEU B 89 -24.47 -6.49 -11.59
C LEU B 89 -24.07 -6.92 -10.19
N VAL B 90 -24.78 -7.89 -9.64
CA VAL B 90 -24.46 -8.42 -8.32
C VAL B 90 -23.26 -9.36 -8.52
N LEU B 91 -22.08 -8.89 -8.14
CA LEU B 91 -20.89 -9.70 -8.25
C LEU B 91 -20.55 -10.33 -6.90
N GLU B 92 -19.70 -11.36 -6.96
CA GLU B 92 -19.23 -11.95 -5.72
C GLU B 92 -18.38 -10.94 -4.96
N TYR B 93 -18.32 -11.15 -3.64
CA TYR B 93 -17.48 -10.39 -2.75
C TYR B 93 -16.43 -11.31 -2.16
N ALA B 94 -15.15 -10.91 -2.21
CA ALA B 94 -14.09 -11.77 -1.71
C ALA B 94 -13.81 -11.65 -0.21
N ALA B 95 -14.16 -10.54 0.43
CA ALA B 95 -14.02 -10.36 1.88
C ALA B 95 -12.57 -10.14 2.30
N GLY B 96 -11.70 -11.13 2.10
CA GLY B 96 -10.33 -10.75 2.32
C GLY B 96 -9.69 -9.96 1.19
N GLY B 97 -10.46 -9.55 0.16
CA GLY B 97 -9.87 -9.12 -1.07
C GLY B 97 -9.51 -7.64 -1.11
N GLU B 98 -8.63 -7.32 -2.06
CA GLU B 98 -8.12 -5.96 -2.25
C GLU B 98 -7.58 -5.83 -3.67
N ILE B 99 -7.75 -4.65 -4.26
CA ILE B 99 -7.16 -4.39 -5.58
C ILE B 99 -5.62 -4.44 -5.52
N PHE B 100 -4.99 -4.67 -6.67
CA PHE B 100 -3.57 -5.04 -6.67
C PHE B 100 -2.65 -3.88 -6.25
N ASP B 101 -2.97 -2.65 -6.67
CA ASP B 101 -2.23 -1.49 -6.18
C ASP B 101 -2.24 -1.44 -4.66
N GLN B 102 -3.40 -1.54 -4.05
CA GLN B 102 -3.46 -1.43 -2.60
C GLN B 102 -2.78 -2.61 -1.91
N CYS B 103 -2.70 -3.78 -2.56
CA CYS B 103 -1.97 -4.89 -1.96
C CYS B 103 -0.48 -4.58 -1.87
N VAL B 104 0.04 -3.92 -2.90
CA VAL B 104 1.44 -3.58 -2.93
C VAL B 104 1.77 -2.61 -1.79
N ALA B 105 0.84 -1.69 -1.49
CA ALA B 105 1.05 -0.74 -0.39
C ALA B 105 0.91 -1.41 0.97
N ASP B 106 0.01 -2.38 1.13
CA ASP B 106 -0.24 -2.99 2.45
C ASP B 106 0.81 -4.00 2.86
N ARG B 107 1.64 -4.50 1.95
CA ARG B 107 2.63 -5.50 2.29
C ARG B 107 3.88 -4.81 2.85
N GLU B 108 4.48 -5.42 3.88
CA GLU B 108 5.75 -4.93 4.42
C GLU B 108 6.86 -5.09 3.38
N GLU B 109 7.43 -6.29 3.26
CA GLU B 109 8.38 -6.55 2.18
C GLU B 109 7.64 -6.63 0.85
N ALA B 110 8.41 -6.52 -0.25
CA ALA B 110 7.80 -6.47 -1.57
C ALA B 110 7.25 -7.83 -1.96
N PHE B 111 6.61 -7.88 -3.14
CA PHE B 111 6.21 -9.15 -3.73
C PHE B 111 7.43 -9.83 -4.35
N LYS B 112 7.76 -11.02 -3.87
CA LYS B 112 8.92 -11.73 -4.38
C LYS B 112 8.62 -12.27 -5.78
N GLU B 113 9.67 -12.74 -6.46
CA GLU B 113 9.50 -13.24 -7.81
C GLU B 113 8.64 -14.49 -7.85
N LYS B 114 8.80 -15.38 -6.86
CA LYS B 114 7.97 -16.58 -6.84
C LYS B 114 6.50 -16.23 -6.62
N ASP B 115 6.22 -15.13 -5.93
CA ASP B 115 4.84 -14.68 -5.79
C ASP B 115 4.28 -14.22 -7.12
N VAL B 116 5.07 -13.46 -7.89
CA VAL B 116 4.61 -12.97 -9.19
C VAL B 116 4.41 -14.13 -10.16
N GLN B 117 5.35 -15.09 -10.15
CA GLN B 117 5.21 -16.30 -10.97
C GLN B 117 3.86 -16.97 -10.74
N ARG B 118 3.49 -17.14 -9.47
CA ARG B 118 2.20 -17.75 -9.18
C ARG B 118 1.05 -16.89 -9.68
N LEU B 119 1.10 -15.59 -9.42
CA LEU B 119 -0.01 -14.73 -9.83
C LEU B 119 -0.12 -14.64 -11.35
N MET B 120 1.02 -14.54 -12.05
CA MET B 120 1.01 -14.42 -13.51
C MET B 120 0.43 -15.67 -14.17
N ARG B 121 0.75 -16.86 -13.66
CA ARG B 121 0.19 -18.07 -14.24
C ARG B 121 -1.32 -18.07 -14.20
N GLN B 122 -1.89 -17.69 -13.04
CA GLN B 122 -3.34 -17.58 -12.94
C GLN B 122 -3.89 -16.61 -13.97
N ILE B 123 -3.28 -15.42 -14.07
CA ILE B 123 -3.70 -14.41 -15.04
C ILE B 123 -3.67 -14.99 -16.44
N LEU B 124 -2.54 -15.60 -16.80
CA LEU B 124 -2.38 -16.17 -18.12
C LEU B 124 -3.39 -17.28 -18.35
N GLU B 125 -3.74 -18.04 -17.30
CA GLU B 125 -4.77 -19.05 -17.48
C GLU B 125 -6.12 -18.41 -17.79
N GLY B 126 -6.44 -17.29 -17.16
CA GLY B 126 -7.68 -16.61 -17.48
C GLY B 126 -7.67 -16.02 -18.88
N VAL B 127 -6.58 -15.34 -19.23
CA VAL B 127 -6.46 -14.77 -20.57
C VAL B 127 -6.58 -15.87 -21.62
N HIS B 128 -5.86 -16.97 -21.40
CA HIS B 128 -5.93 -18.09 -22.33
C HIS B 128 -7.35 -18.63 -22.43
N PHE B 129 -8.10 -18.65 -21.33
CA PHE B 129 -9.47 -19.11 -21.45
C PHE B 129 -10.31 -18.10 -22.22
N LEU B 130 -10.11 -16.82 -21.94
CA LEU B 130 -10.88 -15.80 -22.64
C LEU B 130 -10.55 -15.80 -24.13
N HIS B 131 -9.28 -16.02 -24.49
CA HIS B 131 -8.91 -16.05 -25.90
C HIS B 131 -9.46 -17.28 -26.59
N THR B 132 -9.54 -18.39 -25.86
CA THR B 132 -10.20 -19.59 -26.36
C THR B 132 -11.68 -19.37 -26.62
N ARG B 133 -12.31 -18.38 -25.98
CA ARG B 133 -13.73 -18.10 -26.22
C ARG B 133 -13.95 -16.83 -27.05
N ASP B 134 -12.91 -16.32 -27.73
CA ASP B 134 -12.95 -15.17 -28.64
C ASP B 134 -13.00 -13.80 -27.96
N VAL B 135 -12.58 -13.68 -26.70
CA VAL B 135 -12.68 -12.41 -25.98
C VAL B 135 -11.30 -11.76 -25.98
N VAL B 136 -11.17 -10.61 -26.64
CA VAL B 136 -9.90 -9.88 -26.67
C VAL B 136 -10.08 -8.46 -26.13
N HIS B 137 -9.04 -7.62 -26.32
CA HIS B 137 -9.01 -6.23 -25.85
C HIS B 137 -9.26 -6.14 -24.34
N LEU B 138 -8.54 -6.94 -23.57
CA LEU B 138 -8.77 -7.02 -22.15
C LEU B 138 -8.02 -5.91 -21.42
N ASP B 139 -8.68 -5.30 -20.45
CA ASP B 139 -8.04 -4.29 -19.60
C ASP B 139 -7.24 -5.06 -18.55
N LEU B 140 -5.95 -5.22 -18.79
CA LEU B 140 -5.11 -6.04 -17.93
C LEU B 140 -4.09 -5.15 -17.22
N LYS B 141 -4.57 -4.31 -16.33
CA LYS B 141 -3.70 -3.44 -15.56
C LYS B 141 -3.91 -3.71 -14.08
N PRO B 142 -2.95 -3.33 -13.25
CA PRO B 142 -3.15 -3.50 -11.79
C PRO B 142 -4.49 -2.99 -11.28
N GLN B 143 -4.98 -1.85 -11.76
CA GLN B 143 -6.25 -1.31 -11.27
C GLN B 143 -7.40 -2.27 -11.48
N ASN B 144 -7.19 -3.34 -12.27
CA ASN B 144 -8.23 -4.26 -12.68
C ASN B 144 -8.00 -5.69 -12.20
N ILE B 145 -6.97 -5.93 -11.38
CA ILE B 145 -6.70 -7.26 -10.85
C ILE B 145 -7.01 -7.25 -9.36
N LEU B 146 -7.99 -8.04 -8.96
CA LEU B 146 -8.29 -8.23 -7.55
C LEU B 146 -7.56 -9.46 -7.03
N LEU B 147 -7.00 -9.35 -5.82
CA LEU B 147 -6.49 -10.51 -5.11
C LEU B 147 -7.53 -10.94 -4.09
N THR B 148 -7.77 -12.25 -4.02
CA THR B 148 -8.77 -12.72 -3.08
C THR B 148 -8.33 -12.53 -1.64
N SER B 149 -7.04 -12.31 -1.40
CA SER B 149 -6.55 -12.31 -0.03
C SER B 149 -5.15 -11.71 -0.01
N GLU B 150 -4.88 -10.84 0.97
CA GLU B 150 -3.56 -10.26 1.15
C GLU B 150 -2.72 -10.97 2.20
N SER B 151 -3.33 -11.39 3.31
CA SER B 151 -2.61 -12.08 4.37
C SER B 151 -3.37 -13.35 4.73
N PRO B 152 -3.04 -14.49 4.08
CA PRO B 152 -1.92 -14.68 3.16
C PRO B 152 -2.22 -14.20 1.74
N LEU B 153 -1.21 -14.24 0.87
CA LEU B 153 -1.44 -13.89 -0.53
C LEU B 153 -2.43 -14.87 -1.15
N GLY B 154 -3.48 -14.35 -1.78
CA GLY B 154 -4.54 -15.14 -2.38
C GLY B 154 -4.38 -15.33 -3.88
N ASP B 155 -5.51 -15.43 -4.58
CA ASP B 155 -5.55 -15.62 -6.03
C ASP B 155 -6.05 -14.37 -6.74
N ILE B 156 -5.85 -14.37 -8.05
CA ILE B 156 -6.25 -13.24 -8.87
C ILE B 156 -7.68 -13.47 -9.34
N LYS B 157 -8.40 -12.36 -9.51
CA LYS B 157 -9.71 -12.36 -10.13
C LYS B 157 -9.77 -11.14 -11.04
N ILE B 158 -10.01 -11.35 -12.33
CA ILE B 158 -10.15 -10.23 -13.25
C ILE B 158 -11.58 -9.71 -13.12
N VAL B 159 -11.74 -8.39 -12.99
CA VAL B 159 -13.03 -7.84 -12.55
C VAL B 159 -13.78 -7.02 -13.62
N ASP B 160 -13.10 -6.31 -14.52
CA ASP B 160 -13.79 -5.40 -15.43
C ASP B 160 -13.53 -5.75 -16.88
N PHE B 161 -14.59 -5.80 -17.69
CA PHE B 161 -14.47 -6.11 -19.11
C PHE B 161 -15.11 -5.03 -19.99
N GLY B 162 -15.30 -3.83 -19.44
CA GLY B 162 -16.06 -2.80 -20.15
C GLY B 162 -15.54 -2.49 -21.54
N LEU B 163 -14.24 -2.60 -21.75
CA LEU B 163 -13.63 -2.32 -23.04
C LEU B 163 -13.34 -3.57 -23.85
N SER B 164 -13.79 -4.73 -23.39
CA SER B 164 -13.50 -5.94 -24.14
C SER B 164 -14.42 -6.06 -25.36
N ARG B 165 -14.04 -6.94 -26.28
CA ARG B 165 -14.68 -7.08 -27.59
C ARG B 165 -14.67 -8.55 -27.97
N ILE B 166 -15.53 -8.90 -28.93
CA ILE B 166 -15.50 -10.20 -29.61
C ILE B 166 -14.87 -10.03 -31.01
N LEU B 173 -15.81 -4.73 -44.18
CA LEU B 173 -14.54 -5.44 -43.94
C LEU B 173 -13.94 -5.82 -45.29
N ARG B 174 -13.88 -7.12 -45.56
CA ARG B 174 -13.64 -7.57 -46.92
C ARG B 174 -14.61 -6.91 -47.91
N GLU B 175 -15.76 -6.40 -47.43
CA GLU B 175 -16.70 -5.72 -48.32
C GLU B 175 -16.15 -4.35 -48.74
N ILE B 176 -15.63 -3.58 -47.77
CA ILE B 176 -15.13 -2.23 -48.07
C ILE B 176 -14.02 -2.30 -49.10
N MET B 177 -13.32 -3.43 -49.18
CA MET B 177 -12.23 -3.59 -50.14
C MET B 177 -12.72 -4.03 -51.52
N GLY B 178 -14.04 -4.19 -51.70
CA GLY B 178 -14.62 -4.53 -53.00
C GLY B 178 -14.66 -3.40 -54.01
N THR B 179 -14.23 -2.17 -53.63
CA THR B 179 -14.08 -1.05 -54.55
C THR B 179 -12.63 -0.54 -54.47
N PRO B 180 -11.66 -1.33 -54.94
CA PRO B 180 -10.24 -1.05 -54.63
C PRO B 180 -9.68 0.27 -55.14
N GLU B 181 -10.11 0.74 -56.31
CA GLU B 181 -9.63 2.04 -56.81
C GLU B 181 -9.86 3.18 -55.81
N TYR B 182 -10.91 3.10 -55.00
CA TYR B 182 -11.31 4.19 -54.12
C TYR B 182 -10.99 3.92 -52.65
N VAL B 183 -10.22 2.88 -52.35
CA VAL B 183 -9.93 2.50 -50.98
C VAL B 183 -8.86 3.41 -50.39
N ALA B 184 -9.10 3.89 -49.17
CA ALA B 184 -8.14 4.73 -48.49
C ALA B 184 -7.02 3.89 -47.89
N PRO B 185 -5.80 4.44 -47.80
CA PRO B 185 -4.67 3.68 -47.22
C PRO B 185 -4.98 3.04 -45.88
N GLU B 186 -5.70 3.75 -45.00
CA GLU B 186 -5.96 3.19 -43.67
C GLU B 186 -6.80 1.94 -43.72
N ILE B 187 -7.70 1.82 -44.72
CA ILE B 187 -8.47 0.57 -44.85
C ILE B 187 -7.57 -0.63 -45.14
N LEU B 188 -6.45 -0.41 -45.85
CA LEU B 188 -5.50 -1.50 -46.10
C LEU B 188 -4.69 -1.87 -44.87
N SER B 189 -4.54 -0.95 -43.92
CA SER B 189 -3.66 -1.16 -42.79
C SER B 189 -4.09 -2.37 -41.98
N TYR B 190 -5.36 -2.40 -41.59
CA TYR B 190 -5.98 -3.59 -41.01
C TYR B 190 -5.19 -4.11 -39.81
N ASP B 191 -4.85 -3.20 -38.88
CA ASP B 191 -4.01 -3.57 -37.75
C ASP B 191 -4.71 -3.36 -36.40
N PRO B 192 -5.88 -3.97 -36.17
CA PRO B 192 -6.61 -3.63 -34.94
C PRO B 192 -6.27 -4.56 -33.78
N ILE B 193 -7.11 -4.50 -32.75
CA ILE B 193 -6.94 -5.32 -31.55
C ILE B 193 -6.97 -6.82 -31.89
N SER B 194 -6.33 -7.61 -31.03
CA SER B 194 -6.09 -9.02 -31.34
C SER B 194 -5.53 -9.72 -30.10
N MET B 195 -5.38 -11.04 -30.19
CA MET B 195 -4.76 -11.76 -29.08
C MET B 195 -3.32 -11.31 -28.88
N ALA B 196 -2.62 -10.97 -29.96
CA ALA B 196 -1.26 -10.45 -29.81
C ALA B 196 -1.27 -9.11 -29.10
N THR B 197 -2.34 -8.34 -29.23
CA THR B 197 -2.45 -7.07 -28.54
C THR B 197 -2.57 -7.26 -27.03
N ASP B 198 -3.51 -8.10 -26.57
CA ASP B 198 -3.60 -8.45 -25.14
C ASP B 198 -2.26 -8.97 -24.60
N MET B 199 -1.54 -9.73 -25.43
CA MET B 199 -0.29 -10.32 -24.97
C MET B 199 0.75 -9.24 -24.66
N TRP B 200 0.72 -8.12 -25.38
CA TRP B 200 1.64 -7.03 -25.09
C TRP B 200 1.35 -6.44 -23.70
N SER B 201 0.06 -6.20 -23.40
CA SER B 201 -0.31 -5.75 -22.07
C SER B 201 0.20 -6.69 -20.99
N ILE B 202 0.10 -8.01 -21.22
CA ILE B 202 0.60 -9.00 -20.26
C ILE B 202 2.10 -8.81 -20.04
N GLY B 203 2.86 -8.62 -21.12
CA GLY B 203 4.28 -8.30 -20.98
C GLY B 203 4.54 -7.05 -20.16
N VAL B 204 3.77 -5.97 -20.41
CA VAL B 204 3.93 -4.77 -19.58
C VAL B 204 3.58 -5.08 -18.13
N LEU B 205 2.50 -5.84 -17.92
CA LEU B 205 2.06 -6.15 -16.58
C LEU B 205 3.13 -6.94 -15.83
N THR B 206 3.71 -7.95 -16.49
CA THR B 206 4.75 -8.74 -15.84
C THR B 206 5.91 -7.85 -15.39
N TYR B 207 6.39 -7.01 -16.30
CA TYR B 207 7.45 -6.06 -15.99
C TYR B 207 7.10 -5.27 -14.73
N VAL B 208 5.90 -4.68 -14.70
CA VAL B 208 5.48 -3.85 -13.59
C VAL B 208 5.43 -4.68 -12.31
N MET B 209 4.85 -5.88 -12.40
CA MET B 209 4.73 -6.72 -11.21
C MET B 209 6.09 -7.17 -10.70
N LEU B 210 7.05 -7.39 -11.59
CA LEU B 210 8.33 -7.95 -11.19
C LEU B 210 9.21 -6.87 -10.58
N THR B 211 9.17 -5.67 -11.17
CA THR B 211 10.10 -4.61 -10.82
C THR B 211 9.44 -3.43 -10.14
N GLY B 212 8.13 -3.28 -10.26
CA GLY B 212 7.49 -2.05 -9.83
C GLY B 212 7.66 -0.89 -10.79
N ILE B 213 8.23 -1.10 -11.98
CA ILE B 213 8.47 -0.03 -12.94
C ILE B 213 7.51 -0.19 -14.12
N SER B 214 6.89 0.92 -14.54
CA SER B 214 6.21 0.92 -15.83
C SER B 214 7.17 1.19 -16.98
N PRO B 215 7.46 0.18 -17.81
CA PRO B 215 8.58 0.27 -18.75
C PRO B 215 8.54 1.45 -19.71
N PHE B 216 7.37 1.83 -20.21
CA PHE B 216 7.28 2.89 -21.22
C PHE B 216 6.71 4.20 -20.68
N LEU B 217 6.51 4.33 -19.38
CA LEU B 217 5.82 5.49 -18.81
C LEU B 217 6.70 6.73 -18.85
N GLY B 218 6.16 7.82 -19.42
CA GLY B 218 6.86 9.08 -19.51
C GLY B 218 6.25 10.15 -18.62
N ASN B 219 6.69 11.38 -18.83
CA ASN B 219 6.17 12.49 -18.03
C ASN B 219 4.79 12.91 -18.53
N ASP B 220 4.71 13.34 -19.79
CA ASP B 220 3.43 13.56 -20.44
C ASP B 220 2.86 12.23 -20.95
N LYS B 221 1.58 12.24 -21.32
CA LYS B 221 1.06 11.13 -22.12
C LYS B 221 1.77 11.09 -23.48
N GLN B 222 2.11 12.28 -24.00
CA GLN B 222 2.86 12.35 -25.25
C GLN B 222 4.17 11.58 -25.15
N GLU B 223 4.83 11.60 -23.98
CA GLU B 223 6.15 10.99 -23.92
C GLU B 223 6.05 9.47 -23.79
N THR B 224 5.04 8.99 -23.06
CA THR B 224 4.82 7.55 -22.97
C THR B 224 4.60 6.95 -24.35
N PHE B 225 3.74 7.60 -25.16
CA PHE B 225 3.45 7.10 -26.50
C PHE B 225 4.73 6.99 -27.33
N LEU B 226 5.61 7.98 -27.20
CA LEU B 226 6.86 7.95 -27.97
C LEU B 226 7.82 6.86 -27.48
N ASN B 227 7.86 6.58 -26.18
CA ASN B 227 8.72 5.48 -25.72
C ASN B 227 8.25 4.15 -26.31
N ILE B 228 6.93 3.99 -26.48
CA ILE B 228 6.38 2.76 -27.05
C ILE B 228 6.78 2.63 -28.52
N SER B 229 6.58 3.71 -29.31
CA SER B 229 6.91 3.67 -30.74
C SER B 229 8.40 3.53 -31.00
N GLN B 230 9.24 4.06 -30.10
CA GLN B 230 10.70 3.99 -30.27
C GLN B 230 11.27 2.77 -29.58
N MET B 231 10.40 2.00 -28.91
CA MET B 231 10.75 0.81 -28.14
C MET B 231 11.91 1.10 -27.17
N ASN B 232 11.74 2.20 -26.41
CA ASN B 232 12.69 2.62 -25.38
C ASN B 232 12.43 1.78 -24.12
N LEU B 233 12.93 0.55 -24.15
CA LEU B 233 12.70 -0.41 -23.08
C LEU B 233 14.03 -0.88 -22.51
N SER B 234 14.27 -0.56 -21.24
CA SER B 234 15.51 -0.91 -20.56
C SER B 234 15.29 -2.18 -19.74
N TYR B 235 16.14 -3.18 -19.99
CA TYR B 235 16.37 -4.24 -19.03
C TYR B 235 17.62 -3.98 -18.20
N SER B 236 18.37 -2.91 -18.49
CA SER B 236 19.54 -2.55 -17.69
C SER B 236 19.17 -2.05 -16.30
N GLU B 237 17.89 -1.94 -15.96
CA GLU B 237 17.50 -1.32 -14.71
C GLU B 237 18.01 -2.12 -13.52
N GLU B 238 18.24 -1.42 -12.41
CA GLU B 238 18.84 -2.05 -11.24
C GLU B 238 17.95 -3.15 -10.67
N GLU B 239 16.64 -3.04 -10.83
CA GLU B 239 15.71 -3.95 -10.16
C GLU B 239 15.76 -5.38 -10.72
N PHE B 240 16.52 -5.62 -11.78
CA PHE B 240 16.65 -6.95 -12.36
C PHE B 240 17.83 -7.74 -11.78
N ASP B 241 18.74 -7.10 -11.05
CA ASP B 241 19.86 -7.86 -10.51
C ASP B 241 19.40 -8.92 -9.53
N VAL B 242 18.14 -8.92 -9.11
CA VAL B 242 17.64 -9.94 -8.20
C VAL B 242 16.59 -10.82 -8.85
N LEU B 243 16.44 -10.76 -10.17
CA LEU B 243 15.47 -11.59 -10.89
C LEU B 243 16.19 -12.67 -11.67
N SER B 244 15.45 -13.74 -12.01
CA SER B 244 16.03 -14.84 -12.78
C SER B 244 16.16 -14.45 -14.26
N GLU B 245 17.15 -15.05 -14.93
CA GLU B 245 17.27 -14.85 -16.37
C GLU B 245 15.98 -15.25 -17.06
N SER B 246 15.33 -16.32 -16.59
CA SER B 246 14.07 -16.79 -17.16
C SER B 246 13.02 -15.68 -17.16
N ALA B 247 12.97 -14.90 -16.08
CA ALA B 247 12.01 -13.80 -15.98
C ALA B 247 12.21 -12.78 -17.09
N VAL B 248 13.45 -12.31 -17.26
CA VAL B 248 13.75 -11.39 -18.35
C VAL B 248 13.42 -12.01 -19.70
N ASP B 249 13.72 -13.30 -19.88
CA ASP B 249 13.42 -13.96 -21.14
C ASP B 249 11.92 -13.99 -21.40
N PHE B 250 11.12 -14.33 -20.39
CA PHE B 250 9.67 -14.33 -20.54
C PHE B 250 9.16 -12.97 -21.01
N ILE B 251 9.64 -11.89 -20.38
CA ILE B 251 9.19 -10.55 -20.79
C ILE B 251 9.60 -10.28 -22.23
N ARG B 252 10.80 -10.73 -22.62
CA ARG B 252 11.29 -10.46 -23.96
C ARG B 252 10.45 -11.16 -25.03
N THR B 253 9.80 -12.26 -24.68
CA THR B 253 8.92 -12.92 -25.65
C THR B 253 7.60 -12.19 -25.87
N LEU B 254 7.30 -11.18 -25.05
CA LEU B 254 6.04 -10.45 -25.20
C LEU B 254 6.22 -8.99 -25.57
N LEU B 255 7.22 -8.30 -25.00
CA LEU B 255 7.48 -6.91 -25.35
C LEU B 255 8.26 -6.89 -26.67
N VAL B 256 7.53 -7.25 -27.74
CA VAL B 256 8.04 -7.41 -29.09
C VAL B 256 7.25 -6.49 -30.02
N LYS B 257 7.96 -5.64 -30.76
CA LYS B 257 7.30 -4.71 -31.66
C LYS B 257 6.39 -5.45 -32.64
N LYS B 258 6.91 -6.47 -33.32
CA LYS B 258 6.13 -7.17 -34.34
C LYS B 258 5.04 -8.01 -33.73
N PRO B 259 3.77 -7.71 -34.02
CA PRO B 259 2.64 -8.53 -33.57
C PRO B 259 2.90 -10.02 -33.56
N GLU B 260 3.10 -10.54 -34.77
CA GLU B 260 3.17 -11.97 -35.05
C GLU B 260 4.41 -12.64 -34.47
N ASP B 261 5.34 -11.87 -33.91
CA ASP B 261 6.49 -12.46 -33.23
C ASP B 261 6.30 -12.54 -31.72
N ARG B 262 5.14 -12.14 -31.21
CA ARG B 262 4.84 -12.23 -29.78
C ARG B 262 4.23 -13.60 -29.46
N ALA B 263 4.58 -14.12 -28.30
CA ALA B 263 4.02 -15.39 -27.82
C ALA B 263 2.53 -15.27 -27.57
N THR B 264 1.82 -16.39 -27.73
CA THR B 264 0.39 -16.44 -27.41
C THR B 264 0.18 -16.76 -25.94
N ALA B 265 -1.07 -16.63 -25.50
CA ALA B 265 -1.38 -16.94 -24.11
C ALA B 265 -1.06 -18.40 -23.80
N GLU B 266 -1.52 -19.32 -24.65
CA GLU B 266 -1.23 -20.73 -24.45
C GLU B 266 0.27 -21.03 -24.57
N GLU B 267 1.04 -20.18 -25.24
CA GLU B 267 2.49 -20.38 -25.33
C GLU B 267 3.20 -20.01 -24.02
N CYS B 268 2.77 -18.93 -23.37
CA CYS B 268 3.40 -18.48 -22.13
C CYS B 268 3.26 -19.49 -21.01
N LEU B 269 2.14 -20.22 -20.96
CA LEU B 269 1.90 -21.15 -19.86
C LEU B 269 2.91 -22.29 -19.85
N LYS B 270 3.57 -22.56 -20.99
CA LYS B 270 4.52 -23.66 -21.08
C LYS B 270 5.98 -23.18 -21.13
N HIS B 271 6.23 -21.92 -20.74
CA HIS B 271 7.56 -21.30 -20.64
C HIS B 271 8.27 -21.75 -19.36
N PRO B 272 9.61 -21.76 -19.35
CA PRO B 272 10.32 -22.17 -18.12
C PRO B 272 10.03 -21.28 -16.92
N TRP B 273 9.92 -19.96 -17.10
CA TRP B 273 9.66 -19.07 -15.97
C TRP B 273 8.35 -19.39 -15.27
N LEU B 274 7.39 -20.01 -15.96
CA LEU B 274 6.15 -20.46 -15.34
C LEU B 274 6.14 -21.96 -15.04
N THR B 275 7.00 -22.73 -15.69
CA THR B 275 7.08 -24.15 -15.47
C THR B 275 8.33 -24.48 -14.65
C23 F7I C . 15.19 -1.94 16.46
C19 F7I C . 15.15 -4.08 18.13
C18 F7I C . 14.27 -3.93 17.02
C17 F7I C . 12.52 -4.83 15.48
C20 F7I C . 15.99 -3.07 18.39
C21 F7I C . 16.34 -0.05 16.69
C16 F7I C . 11.38 -3.87 15.68
C13 F7I C . 12.67 0.06 13.35
C11 F7I C . 14.64 -0.06 14.72
C12 F7I C . 13.39 -0.55 14.36
C10 F7I C . 15.16 1.04 14.05
C6 F7I C . 12.46 -1.13 7.75
C5 F7I C . 12.12 -0.77 6.47
C1 F7I C . 10.69 1.51 9.82
C2 F7I C . 11.17 0.70 8.65
C3 F7I C . 10.82 1.04 7.35
O1 F7I C . 11.41 -0.31 13.00
O2 F7I C . 10.81 -3.54 14.42
C4 F7I C . 11.29 0.32 6.26
C7 F7I C . 11.99 -0.41 8.84
N F7I C . 11.39 1.14 11.05
C F7I C . 12.49 1.77 11.47
O F7I C . 12.92 2.79 10.91
C14 F7I C . 11.12 -1.71 12.96
C15 F7I C . 10.55 -2.15 14.27
C22 F7I C . 15.38 -0.67 15.87
C8 F7I C . 13.19 1.15 12.64
C9 F7I C . 14.44 1.63 13.01
N1 F7I C . 13.37 -4.92 16.66
N2 F7I C . 15.99 -1.98 17.55
N3 F7I C . 16.71 -0.81 17.72
N4 F7I C . 14.22 -2.83 16.25
C23 F7I D . -13.97 -6.00 -4.10
C19 F7I D . -12.76 -5.91 -1.71
C18 F7I D . -12.69 -4.89 -2.69
C17 F7I D . -11.24 -2.91 -3.11
C20 F7I D . -13.52 -6.99 -2.00
C21 F7I D . -15.22 -7.61 -4.97
C16 F7I D . -11.74 -2.00 -4.20
C13 F7I D . -13.95 -3.85 -7.96
C11 F7I D . -14.73 -5.64 -6.56
C12 F7I D . -13.91 -4.53 -6.76
C10 F7I D . -15.60 -6.02 -7.56
C6 F7I D . -15.17 1.36 -13.11
C5 F7I D . -15.97 1.73 -12.05
C1 F7I D . -14.16 -2.16 -12.09
C2 F7I D . -14.84 -0.80 -12.10
C3 F7I D . -15.65 -0.41 -11.04
O1 F7I D . -13.06 -2.86 -8.23
O2 F7I D . -11.73 -2.71 -5.42
C4 F7I D . -16.21 0.85 -11.02
C7 F7I D . -14.62 0.08 -13.13
N F7I D . -14.07 -2.76 -10.77
C F7I D . -15.00 -3.60 -10.34
O F7I D . -15.98 -3.89 -11.04
C14 F7I D . -12.94 -1.80 -7.26
C15 F7I D . -11.61 -1.90 -6.57
C22 F7I D . -14.67 -6.38 -5.28
C8 F7I D . -14.83 -4.23 -8.98
C9 F7I D . -15.65 -5.34 -8.75
N1 F7I D . -12.31 -3.61 -2.41
N2 F7I D . -14.14 -7.03 -3.22
N3 F7I D . -14.93 -8.04 -3.76
N4 F7I D . -13.02 -5.08 -3.97
#